data_5HKL
#
_entry.id   5HKL
#
_cell.length_a   57.262
_cell.length_b   56.328
_cell.length_c   59.470
_cell.angle_alpha   90.00
_cell.angle_beta   115.10
_cell.angle_gamma   90.00
#
_symmetry.space_group_name_H-M   'P 1 21 1'
#
loop_
_entity.id
_entity.type
_entity.pdbx_description
1 polymer 'Orotate phosphoribosyltransferase'
2 non-polymer 'PHOSPHATE ION'
3 water water
#
_entity_poly.entity_id   1
_entity_poly.type   'polypeptide(L)'
_entity_poly.pdbx_seq_one_letter_code
;HHHHHHIEGRHMAGPDRAELAELVRRLSVVHGRVTLSSGREADYYVDLRRATLHHRASALIGRLMRELTADWDYSVVGGL
TLGADPVATAIMHAPGRPIDAFVVRKSAKAHGMQRLIEGSEVTGQRVLVVEDTSTTGNSALTAVHAVQDVGGEVVGVATV
VDRATGAAEAIEAEGLRYRSVLGLADLGLD
;
_entity_poly.pdbx_strand_id   A,B
#
loop_
_chem_comp.id
_chem_comp.type
_chem_comp.name
_chem_comp.formula
PO4 non-polymer 'PHOSPHATE ION' 'O4 P -3'
#
# COMPACT_ATOMS: atom_id res chain seq x y z
N GLY A 14 -0.68 -18.43 18.46
CA GLY A 14 -1.69 -18.12 19.52
C GLY A 14 -1.79 -16.64 19.87
N PRO A 15 -0.78 -16.09 20.55
CA PRO A 15 -0.91 -14.69 21.03
C PRO A 15 -1.10 -13.67 19.87
N ASP A 16 -0.35 -13.85 18.78
CA ASP A 16 -0.44 -12.94 17.64
C ASP A 16 -1.81 -12.96 17.02
N ARG A 17 -2.37 -14.15 16.80
CA ARG A 17 -3.67 -14.24 16.23
C ARG A 17 -4.76 -13.57 17.09
N ALA A 18 -4.68 -13.76 18.42
CA ALA A 18 -5.63 -13.09 19.34
C ALA A 18 -5.48 -11.58 19.32
N GLU A 19 -4.23 -11.12 19.31
CA GLU A 19 -3.95 -9.66 19.26
C GLU A 19 -4.59 -9.06 18.01
N LEU A 20 -4.43 -9.75 16.87
CA LEU A 20 -5.03 -9.24 15.64
C LEU A 20 -6.50 -9.25 15.70
N ALA A 21 -7.12 -10.35 16.22
CA ALA A 21 -8.58 -10.39 16.24
C ALA A 21 -9.11 -9.28 17.07
N GLU A 22 -8.41 -8.98 18.16
CA GLU A 22 -8.88 -7.85 18.97
C GLU A 22 -8.79 -6.54 18.24
N LEU A 23 -7.69 -6.31 17.50
CA LEU A 23 -7.56 -5.07 16.71
C LEU A 23 -8.65 -4.97 15.63
N VAL A 24 -8.92 -6.10 15.00
CA VAL A 24 -9.96 -6.07 13.92
C VAL A 24 -11.37 -5.76 14.48
N ARG A 25 -11.75 -6.36 15.63
CA ARG A 25 -13.03 -6.01 16.26
C ARG A 25 -13.12 -4.56 16.57
N ARG A 26 -12.05 -4.02 17.17
CA ARG A 26 -12.11 -2.66 17.63
C ARG A 26 -11.99 -1.66 16.50
N LEU A 27 -11.08 -1.89 15.55
CA LEU A 27 -10.90 -0.96 14.42
C LEU A 27 -11.90 -1.08 13.28
N SER A 28 -12.30 -2.30 12.99
CA SER A 28 -13.04 -2.54 11.73
C SER A 28 -14.49 -2.90 11.90
N VAL A 29 -14.93 -3.24 13.09
CA VAL A 29 -16.38 -3.41 13.32
C VAL A 29 -16.88 -2.09 13.83
N VAL A 30 -17.39 -1.30 12.92
CA VAL A 30 -17.63 0.12 13.15
C VAL A 30 -19.06 0.20 13.67
N HIS A 31 -19.23 0.59 14.93
CA HIS A 31 -20.55 0.65 15.56
C HIS A 31 -21.26 1.98 15.35
N GLY A 32 -22.58 1.90 15.28
CA GLY A 32 -23.41 3.07 15.00
C GLY A 32 -24.43 2.73 13.94
N ARG A 33 -25.51 3.53 13.91
CA ARG A 33 -26.68 3.28 13.06
C ARG A 33 -26.42 3.67 11.62
N VAL A 34 -26.61 2.73 10.70
CA VAL A 34 -26.26 2.98 9.32
C VAL A 34 -27.21 2.23 8.41
N THR A 35 -27.72 2.96 7.43
CA THR A 35 -28.30 2.27 6.31
C THR A 35 -27.19 1.68 5.40
N LEU A 36 -27.06 0.34 5.40
CA LEU A 36 -26.08 -0.38 4.59
C LEU A 36 -26.21 -0.13 3.08
N SER A 37 -25.27 -0.70 2.33
CA SER A 37 -25.25 -0.56 0.88
C SER A 37 -26.55 -1.17 0.29
N SER A 38 -26.81 -2.42 0.69
CA SER A 38 -28.06 -3.15 0.41
C SER A 38 -29.37 -2.32 0.54
N GLY A 39 -29.31 -1.17 1.21
CA GLY A 39 -30.50 -0.44 1.60
C GLY A 39 -30.99 -0.87 2.97
N ARG A 40 -30.52 -2.00 3.50
CA ARG A 40 -30.98 -2.41 4.85
C ARG A 40 -30.19 -1.75 5.97
N GLU A 41 -30.92 -1.36 7.03
CA GLU A 41 -30.32 -0.72 8.19
C GLU A 41 -29.62 -1.72 9.07
N ALA A 42 -28.60 -1.25 9.77
CA ALA A 42 -27.88 -2.11 10.69
C ALA A 42 -27.26 -1.29 11.83
N ASP A 43 -26.71 -2.00 12.82
CA ASP A 43 -26.07 -1.36 13.99
C ASP A 43 -24.53 -1.32 13.89
N TYR A 44 -24.00 -1.81 12.78
CA TYR A 44 -22.55 -1.78 12.53
C TYR A 44 -22.30 -2.04 11.02
N TYR A 45 -21.08 -1.74 10.56
CA TYR A 45 -20.57 -2.26 9.29
C TYR A 45 -19.10 -2.65 9.46
N VAL A 46 -18.55 -3.43 8.56
CA VAL A 46 -17.14 -3.90 8.70
C VAL A 46 -16.27 -3.13 7.72
N ASP A 47 -15.21 -2.49 8.18
CA ASP A 47 -14.27 -1.77 7.30
C ASP A 47 -12.86 -2.20 7.64
N LEU A 48 -12.44 -3.25 6.98
CA LEU A 48 -11.13 -3.80 7.17
C LEU A 48 -9.96 -2.83 6.88
N ARG A 49 -10.20 -1.79 6.13
CA ARG A 49 -9.08 -0.87 5.79
C ARG A 49 -8.55 -0.15 7.02
N ARG A 50 -9.40 -0.01 8.02
CA ARG A 50 -8.97 0.60 9.28
C ARG A 50 -7.94 -0.24 9.98
N ALA A 51 -7.94 -1.54 9.75
CA ALA A 51 -6.98 -2.41 10.35
C ALA A 51 -5.77 -2.61 9.39
N THR A 52 -6.02 -2.77 8.08
CA THR A 52 -4.93 -3.15 7.18
C THR A 52 -3.98 -1.96 7.02
N LEU A 53 -4.48 -0.77 7.31
CA LEU A 53 -3.64 0.45 7.27
C LEU A 53 -3.28 0.97 8.70
N HIS A 54 -3.29 0.10 9.70
CA HIS A 54 -2.87 0.41 11.05
C HIS A 54 -1.46 -0.20 11.33
N HIS A 55 -0.57 0.53 12.01
CA HIS A 55 0.82 0.12 12.22
C HIS A 55 0.98 -1.24 12.81
N ARG A 56 0.12 -1.59 13.78
CA ARG A 56 0.34 -2.89 14.41
C ARG A 56 -0.47 -4.01 13.78
N ALA A 57 -1.72 -3.74 13.50
CA ALA A 57 -2.58 -4.74 12.81
C ALA A 57 -1.91 -5.18 11.51
N SER A 58 -1.35 -4.23 10.73
CA SER A 58 -0.76 -4.59 9.46
C SER A 58 0.49 -5.43 9.65
N ALA A 59 1.28 -5.15 10.69
CA ALA A 59 2.44 -6.00 10.97
C ALA A 59 2.01 -7.44 11.29
N LEU A 60 0.99 -7.56 12.11
CA LEU A 60 0.49 -8.88 12.46
C LEU A 60 -0.09 -9.57 11.23
N ILE A 61 -0.90 -8.85 10.43
CA ILE A 61 -1.41 -9.42 9.18
C ILE A 61 -0.28 -10.01 8.32
N GLY A 62 0.81 -9.25 8.10
CA GLY A 62 1.91 -9.74 7.27
C GLY A 62 2.49 -11.05 7.83
N ARG A 63 2.67 -11.06 9.16
CA ARG A 63 3.31 -12.19 9.81
C ARG A 63 2.39 -13.41 9.74
N LEU A 64 1.14 -13.21 10.07
CA LEU A 64 0.18 -14.33 10.15
C LEU A 64 -0.17 -14.87 8.76
N MET A 65 -0.24 -14.01 7.76
CA MET A 65 -0.52 -14.46 6.40
C MET A 65 0.63 -15.28 5.81
N ARG A 66 1.86 -14.93 6.16
CA ARG A 66 3.01 -15.74 5.76
C ARG A 66 2.93 -17.11 6.45
N GLU A 67 2.58 -17.13 7.73
CA GLU A 67 2.44 -18.42 8.43
C GLU A 67 1.31 -19.23 7.83
N LEU A 68 0.19 -18.58 7.52
CA LEU A 68 -0.98 -19.21 6.94
C LEU A 68 -0.67 -19.94 5.58
N THR A 69 0.31 -19.45 4.84
CA THR A 69 0.61 -19.93 3.52
C THR A 69 2.03 -20.47 3.41
N ALA A 70 2.64 -20.84 4.54
CA ALA A 70 4.05 -21.22 4.60
C ALA A 70 4.37 -22.46 3.79
N ASP A 71 3.41 -23.35 3.61
CA ASP A 71 3.59 -24.52 2.78
C ASP A 71 3.39 -24.26 1.29
N TRP A 72 2.95 -23.07 0.86
CA TRP A 72 2.72 -22.78 -0.57
C TRP A 72 3.96 -22.15 -1.18
N ASP A 73 4.27 -22.46 -2.44
CA ASP A 73 5.43 -21.96 -3.09
C ASP A 73 4.98 -20.77 -4.00
N TYR A 74 5.38 -19.53 -3.64
CA TYR A 74 5.05 -18.35 -4.44
C TYR A 74 6.13 -17.29 -4.20
N SER A 75 6.40 -16.49 -5.21
CA SER A 75 7.39 -15.43 -5.13
C SER A 75 6.76 -14.04 -5.16
N VAL A 76 5.48 -13.92 -5.48
CA VAL A 76 4.77 -12.62 -5.62
C VAL A 76 3.36 -12.72 -5.00
N VAL A 77 2.91 -11.59 -4.42
CA VAL A 77 1.61 -11.50 -3.75
C VAL A 77 0.92 -10.21 -4.09
N GLY A 78 -0.39 -10.29 -4.24
CA GLY A 78 -1.15 -9.15 -4.73
C GLY A 78 -2.63 -9.45 -4.89
N GLY A 79 -3.42 -8.42 -5.19
CA GLY A 79 -4.85 -8.61 -5.45
C GLY A 79 -5.47 -7.40 -6.08
N LEU A 80 -6.81 -7.35 -6.03
CA LEU A 80 -7.52 -6.24 -6.67
C LEU A 80 -7.48 -4.97 -5.79
N THR A 81 -7.08 -3.82 -6.37
CA THR A 81 -7.08 -2.56 -5.63
C THR A 81 -8.57 -2.24 -5.25
N LEU A 82 -8.84 -1.61 -4.12
CA LEU A 82 -7.91 -1.08 -3.13
C LEU A 82 -7.65 -2.03 -1.95
N GLY A 83 -8.58 -2.93 -1.70
CA GLY A 83 -8.57 -3.74 -0.47
C GLY A 83 -7.36 -4.66 -0.32
N ALA A 84 -6.88 -5.21 -1.42
CA ALA A 84 -5.79 -6.20 -1.35
C ALA A 84 -4.46 -5.53 -1.10
N ASP A 85 -4.33 -4.29 -1.54
CA ASP A 85 -3.01 -3.64 -1.62
C ASP A 85 -2.23 -3.60 -0.28
N PRO A 86 -2.84 -3.16 0.84
CA PRO A 86 -2.07 -3.13 2.08
C PRO A 86 -1.87 -4.50 2.68
N VAL A 87 -2.68 -5.46 2.27
CA VAL A 87 -2.48 -6.86 2.71
C VAL A 87 -1.22 -7.40 2.03
N ALA A 88 -1.11 -7.17 0.71
CA ALA A 88 0.08 -7.64 -0.04
C ALA A 88 1.35 -6.97 0.41
N THR A 89 1.28 -5.67 0.66
CA THR A 89 2.51 -4.97 1.09
C THR A 89 2.88 -5.37 2.53
N ALA A 90 1.90 -5.69 3.37
CA ALA A 90 2.20 -6.15 4.74
C ALA A 90 2.94 -7.48 4.68
N ILE A 91 2.49 -8.38 3.79
CA ILE A 91 3.25 -9.65 3.55
C ILE A 91 4.64 -9.35 3.14
N MET A 92 4.80 -8.49 2.13
CA MET A 92 6.11 -8.18 1.60
C MET A 92 7.04 -7.61 2.67
N HIS A 93 6.52 -6.73 3.53
CA HIS A 93 7.35 -6.08 4.55
C HIS A 93 7.59 -6.94 5.77
N ALA A 94 6.79 -7.97 5.98
CA ALA A 94 6.98 -8.82 7.17
C ALA A 94 8.26 -9.64 7.05
N PRO A 95 8.87 -9.95 8.21
CA PRO A 95 10.15 -10.72 8.09
C PRO A 95 9.97 -12.07 7.43
N GLY A 96 10.99 -12.50 6.70
CA GLY A 96 11.01 -13.82 6.08
C GLY A 96 11.63 -13.78 4.73
N ARG A 97 11.47 -14.86 3.99
CA ARG A 97 12.03 -14.93 2.67
C ARG A 97 11.44 -13.80 1.79
N PRO A 98 12.16 -13.39 0.75
CA PRO A 98 11.77 -12.28 -0.09
C PRO A 98 10.51 -12.63 -0.85
N ILE A 99 9.50 -11.78 -0.72
CA ILE A 99 8.25 -11.89 -1.52
C ILE A 99 7.93 -10.49 -2.03
N ASP A 100 7.77 -10.36 -3.35
CA ASP A 100 7.50 -9.07 -3.96
C ASP A 100 5.99 -8.94 -4.18
N ALA A 101 5.53 -7.72 -4.49
CA ALA A 101 4.16 -7.43 -4.53
C ALA A 101 3.71 -6.88 -5.86
N PHE A 102 2.40 -6.99 -6.08
CA PHE A 102 1.77 -6.41 -7.29
C PHE A 102 0.35 -5.95 -6.95
N VAL A 103 -0.21 -5.17 -7.89
CA VAL A 103 -1.56 -4.60 -7.73
C VAL A 103 -2.32 -4.88 -9.06
N VAL A 104 -3.55 -5.35 -8.94
CA VAL A 104 -4.47 -5.45 -10.09
C VAL A 104 -5.42 -4.28 -10.10
N ARG A 105 -5.45 -3.57 -11.23
CA ARG A 105 -6.39 -2.48 -11.45
C ARG A 105 -7.56 -3.00 -12.23
N LYS A 106 -8.73 -2.40 -12.12
CA LYS A 106 -9.68 -2.65 -13.22
C LYS A 106 -9.55 -1.69 -14.41
N SER A 107 -10.15 -2.13 -15.51
CA SER A 107 -10.02 -1.50 -16.84
C SER A 107 -9.71 -0.01 -16.79
N LEU A 116 -5.16 -4.81 -15.61
CA LEU A 116 -3.81 -4.37 -15.75
C LEU A 116 -3.11 -4.59 -14.39
N ILE A 117 -1.92 -5.10 -14.50
CA ILE A 117 -1.13 -5.48 -13.32
C ILE A 117 0.03 -4.50 -13.22
N GLU A 118 0.22 -3.90 -12.04
CA GLU A 118 1.30 -2.99 -11.76
C GLU A 118 2.18 -3.50 -10.66
N GLY A 119 3.47 -3.14 -10.69
CA GLY A 119 4.40 -3.63 -9.71
C GLY A 119 5.27 -4.73 -10.24
N SER A 120 5.46 -5.76 -9.39
CA SER A 120 6.38 -6.83 -9.69
C SER A 120 5.81 -7.75 -10.77
N GLU A 121 6.71 -8.39 -11.52
CA GLU A 121 6.28 -9.25 -12.65
C GLU A 121 5.59 -10.51 -12.13
N VAL A 122 4.44 -10.88 -12.70
CA VAL A 122 3.77 -12.11 -12.39
C VAL A 122 3.83 -13.16 -13.53
N THR A 123 4.20 -12.73 -14.73
CA THR A 123 4.31 -13.66 -15.87
C THR A 123 5.35 -14.72 -15.60
N GLY A 124 4.95 -15.97 -15.68
CA GLY A 124 5.88 -17.06 -15.44
C GLY A 124 6.15 -17.34 -13.99
N GLN A 125 5.46 -16.66 -13.08
CA GLN A 125 5.79 -16.80 -11.66
C GLN A 125 4.67 -17.50 -10.98
N ARG A 126 4.97 -18.05 -9.78
CA ARG A 126 3.95 -18.55 -8.89
C ARG A 126 3.49 -17.42 -7.93
N VAL A 127 2.18 -17.26 -7.79
CA VAL A 127 1.55 -16.06 -7.26
C VAL A 127 0.55 -16.43 -6.18
N LEU A 128 0.54 -15.69 -5.07
CA LEU A 128 -0.53 -15.74 -4.08
C LEU A 128 -1.45 -14.52 -4.29
N VAL A 129 -2.74 -14.77 -4.51
CA VAL A 129 -3.74 -13.71 -4.60
C VAL A 129 -4.27 -13.53 -3.17
N VAL A 130 -4.36 -12.28 -2.74
CA VAL A 130 -4.88 -11.91 -1.43
C VAL A 130 -6.05 -10.95 -1.53
N GLU A 131 -6.86 -10.91 -0.44
CA GLU A 131 -7.94 -9.92 -0.28
C GLU A 131 -7.98 -9.62 1.24
N ASP A 132 -8.47 -8.46 1.61
CA ASP A 132 -8.69 -8.18 3.04
C ASP A 132 -9.87 -9.05 3.58
N THR A 133 -11.02 -8.88 2.97
CA THR A 133 -12.18 -9.69 3.26
C THR A 133 -12.99 -9.81 2.00
N SER A 134 -13.42 -11.02 1.69
CA SER A 134 -14.32 -11.22 0.50
C SER A 134 -15.82 -11.50 0.88
N THR A 135 -16.74 -11.08 0.02
CA THR A 135 -18.16 -11.32 0.22
C THR A 135 -18.56 -12.35 -0.82
N THR A 136 -18.55 -11.98 -2.08
CA THR A 136 -18.93 -12.91 -3.14
C THR A 136 -17.71 -13.68 -3.62
N GLY A 137 -16.52 -13.16 -3.41
CA GLY A 137 -15.35 -13.81 -4.00
C GLY A 137 -15.01 -13.24 -5.35
N ASN A 138 -15.88 -12.37 -5.90
CA ASN A 138 -15.66 -11.75 -7.20
C ASN A 138 -14.42 -10.91 -7.31
N SER A 139 -14.13 -10.12 -6.27
CA SER A 139 -12.88 -9.32 -6.32
C SER A 139 -11.65 -10.17 -6.40
N ALA A 140 -11.57 -11.18 -5.56
CA ALA A 140 -10.43 -12.10 -5.58
C ALA A 140 -10.35 -12.85 -6.92
N LEU A 141 -11.49 -13.33 -7.44
CA LEU A 141 -11.47 -14.09 -8.72
C LEU A 141 -11.11 -13.15 -9.90
N THR A 142 -11.44 -11.87 -9.81
CA THR A 142 -11.06 -10.87 -10.81
C THR A 142 -9.58 -10.73 -10.84
N ALA A 143 -8.97 -10.68 -9.66
CA ALA A 143 -7.50 -10.71 -9.58
C ALA A 143 -6.88 -12.02 -10.08
N VAL A 144 -7.46 -13.18 -9.69
CA VAL A 144 -6.94 -14.49 -10.14
C VAL A 144 -6.97 -14.54 -11.68
N HIS A 145 -8.06 -14.10 -12.27
CA HIS A 145 -8.18 -14.15 -13.74
C HIS A 145 -7.22 -13.19 -14.42
N ALA A 146 -7.05 -12.00 -13.85
CA ALA A 146 -6.09 -11.06 -14.39
C ALA A 146 -4.69 -11.63 -14.41
N VAL A 147 -4.32 -12.29 -13.30
CA VAL A 147 -3.00 -12.91 -13.18
C VAL A 147 -2.81 -14.05 -14.21
N GLN A 148 -3.86 -14.87 -14.32
CA GLN A 148 -3.81 -15.98 -15.24
C GLN A 148 -3.74 -15.53 -16.66
N ASP A 149 -4.44 -14.43 -16.96
CA ASP A 149 -4.46 -13.84 -18.31
C ASP A 149 -3.07 -13.36 -18.79
N VAL A 150 -2.16 -13.07 -17.88
CA VAL A 150 -0.79 -12.72 -18.25
C VAL A 150 0.24 -13.77 -17.79
N GLY A 151 -0.22 -15.02 -17.61
CA GLY A 151 0.74 -16.12 -17.44
C GLY A 151 1.23 -16.38 -16.05
N GLY A 152 0.56 -15.83 -15.06
CA GLY A 152 0.91 -16.16 -13.70
C GLY A 152 0.19 -17.40 -13.28
N GLU A 153 0.79 -18.18 -12.38
CA GLU A 153 0.24 -19.39 -11.89
C GLU A 153 -0.19 -19.14 -10.48
N VAL A 154 -1.50 -19.15 -10.23
CA VAL A 154 -2.07 -18.77 -8.92
C VAL A 154 -2.05 -19.99 -8.01
N VAL A 155 -1.36 -19.91 -6.89
CA VAL A 155 -1.19 -21.08 -6.00
C VAL A 155 -2.35 -21.25 -5.04
N GLY A 156 -3.08 -20.16 -4.82
CA GLY A 156 -4.14 -20.13 -3.88
C GLY A 156 -4.57 -18.72 -3.58
N VAL A 157 -5.65 -18.59 -2.82
CA VAL A 157 -6.15 -17.30 -2.34
C VAL A 157 -6.15 -17.28 -0.81
N ALA A 158 -5.61 -16.21 -0.21
CA ALA A 158 -5.64 -16.04 1.21
C ALA A 158 -6.25 -14.70 1.57
N THR A 159 -7.06 -14.67 2.63
CA THR A 159 -7.73 -13.45 3.10
C THR A 159 -7.53 -13.23 4.58
N VAL A 160 -7.72 -11.99 5.04
CA VAL A 160 -7.50 -11.73 6.46
C VAL A 160 -8.69 -12.25 7.26
N VAL A 161 -9.88 -11.98 6.74
CA VAL A 161 -11.14 -12.34 7.42
C VAL A 161 -12.12 -12.99 6.43
N ASP A 162 -12.57 -14.18 6.78
CA ASP A 162 -13.66 -14.85 6.03
C ASP A 162 -14.92 -14.56 6.76
N ARG A 163 -15.98 -14.27 6.04
CA ARG A 163 -17.22 -13.87 6.69
C ARG A 163 -18.41 -14.86 6.40
N ALA A 164 -18.07 -16.08 5.97
CA ALA A 164 -19.05 -17.18 5.80
C ALA A 164 -20.15 -16.78 4.78
N THR A 165 -19.76 -16.23 3.64
CA THR A 165 -20.67 -15.64 2.71
C THR A 165 -20.66 -16.40 1.42
N GLY A 166 -19.94 -17.51 1.34
CA GLY A 166 -19.87 -18.24 0.09
C GLY A 166 -18.67 -17.97 -0.79
N ALA A 167 -17.79 -17.06 -0.32
CA ALA A 167 -16.64 -16.73 -1.10
C ALA A 167 -15.72 -17.92 -1.18
N ALA A 168 -15.55 -18.64 -0.08
CA ALA A 168 -14.72 -19.81 -0.06
C ALA A 168 -15.13 -20.83 -1.12
N GLU A 169 -16.45 -21.06 -1.21
CA GLU A 169 -16.98 -22.08 -2.11
C GLU A 169 -16.76 -21.60 -3.54
N ALA A 170 -17.00 -20.32 -3.78
CA ALA A 170 -16.84 -19.79 -5.17
C ALA A 170 -15.45 -19.94 -5.65
N ILE A 171 -14.49 -19.70 -4.75
CA ILE A 171 -13.05 -19.79 -5.06
C ILE A 171 -12.59 -21.23 -5.23
N GLU A 172 -13.07 -22.13 -4.37
CA GLU A 172 -12.74 -23.53 -4.49
C GLU A 172 -13.37 -24.14 -5.73
N ALA A 173 -14.49 -23.59 -6.20
CA ALA A 173 -15.14 -24.08 -7.43
C ALA A 173 -14.25 -23.87 -8.67
N GLU A 174 -13.30 -22.96 -8.60
CA GLU A 174 -12.38 -22.75 -9.69
C GLU A 174 -11.09 -23.55 -9.51
N GLY A 175 -11.06 -24.48 -8.58
CA GLY A 175 -9.88 -25.36 -8.42
C GLY A 175 -8.81 -24.70 -7.58
N LEU A 176 -9.14 -23.64 -6.83
CA LEU A 176 -8.13 -22.94 -6.00
C LEU A 176 -8.32 -23.21 -4.52
N ARG A 177 -7.21 -23.30 -3.81
CA ARG A 177 -7.22 -23.38 -2.34
C ARG A 177 -7.50 -22.00 -1.77
N TYR A 178 -8.27 -21.97 -0.69
CA TYR A 178 -8.66 -20.72 -0.04
C TYR A 178 -8.42 -20.84 1.48
N ARG A 179 -7.77 -19.85 2.10
CA ARG A 179 -7.46 -19.88 3.53
C ARG A 179 -7.68 -18.49 4.07
N SER A 180 -8.02 -18.37 5.36
CA SER A 180 -8.15 -17.06 5.95
C SER A 180 -7.56 -17.08 7.32
N VAL A 181 -7.11 -15.93 7.81
CA VAL A 181 -6.50 -15.88 9.13
C VAL A 181 -7.59 -15.94 10.22
N LEU A 182 -8.60 -15.14 10.04
CA LEU A 182 -9.72 -15.03 10.95
C LEU A 182 -11.02 -15.43 10.23
N GLY A 183 -12.02 -15.79 11.04
CA GLY A 183 -13.32 -16.16 10.57
C GLY A 183 -14.35 -15.31 11.21
N LEU A 184 -15.57 -15.62 10.85
CA LEU A 184 -16.67 -14.75 11.28
C LEU A 184 -16.78 -14.77 12.83
N ALA A 185 -16.49 -15.90 13.47
CA ALA A 185 -16.52 -15.96 14.95
C ALA A 185 -15.61 -14.93 15.61
N ASP A 186 -14.51 -14.61 14.94
CA ASP A 186 -13.50 -13.72 15.50
C ASP A 186 -13.91 -12.28 15.57
N LEU A 187 -14.94 -11.93 14.81
CA LEU A 187 -15.45 -10.58 14.82
C LEU A 187 -16.40 -10.27 15.99
N GLY A 188 -16.70 -11.28 16.80
CA GLY A 188 -17.48 -11.10 18.02
C GLY A 188 -18.88 -10.59 17.81
N LEU A 189 -19.52 -11.00 16.73
CA LEU A 189 -20.87 -10.57 16.50
C LEU A 189 -21.79 -11.65 17.08
N HIS B 1 14.75 20.06 -21.51
CA HIS B 1 14.93 21.12 -20.48
C HIS B 1 14.37 20.68 -19.13
N HIS B 2 15.23 20.62 -18.13
CA HIS B 2 14.79 20.18 -16.82
C HIS B 2 14.57 21.36 -15.90
N HIS B 3 13.62 21.27 -14.99
CA HIS B 3 13.51 22.22 -13.91
C HIS B 3 14.21 21.56 -12.70
N HIS B 4 15.51 21.74 -12.56
CA HIS B 4 16.23 21.08 -11.50
C HIS B 4 15.85 21.62 -10.19
N HIS B 5 15.47 20.75 -9.24
CA HIS B 5 15.12 21.13 -7.90
C HIS B 5 16.03 20.44 -6.86
N HIS B 6 16.22 21.10 -5.72
CA HIS B 6 17.01 20.59 -4.61
C HIS B 6 16.52 19.18 -4.17
N ILE B 7 17.44 18.24 -4.00
CA ILE B 7 17.17 16.89 -3.50
C ILE B 7 17.73 16.87 -2.06
N GLU B 8 16.86 17.07 -1.11
CA GLU B 8 17.24 17.08 0.30
C GLU B 8 17.84 15.73 0.74
N GLY B 9 17.42 14.67 0.06
CA GLY B 9 18.02 13.35 0.19
C GLY B 9 19.53 13.25 -0.02
N ARG B 10 20.13 14.19 -0.75
CA ARG B 10 21.58 14.16 -0.94
C ARG B 10 22.32 14.27 0.38
N HIS B 11 21.68 14.90 1.39
CA HIS B 11 22.29 15.04 2.74
C HIS B 11 22.26 13.71 3.53
N MET B 12 21.61 12.67 3.04
CA MET B 12 21.49 11.39 3.78
C MET B 12 22.38 10.39 3.07
N ALA B 13 23.54 10.86 2.59
CA ALA B 13 24.43 10.00 1.81
C ALA B 13 24.91 8.87 2.74
N GLY B 14 25.13 7.71 2.14
CA GLY B 14 25.36 6.51 2.88
C GLY B 14 24.97 5.29 2.11
N PRO B 15 25.24 4.11 2.73
CA PRO B 15 25.04 2.86 2.05
C PRO B 15 23.58 2.66 1.59
N ASP B 16 22.62 2.97 2.44
CA ASP B 16 21.20 2.68 2.15
C ASP B 16 20.73 3.51 0.94
N ARG B 17 21.07 4.80 0.91
CA ARG B 17 20.66 5.61 -0.23
C ARG B 17 21.24 5.12 -1.53
N ALA B 18 22.51 4.69 -1.51
CA ALA B 18 23.17 4.15 -2.73
C ALA B 18 22.55 2.81 -3.18
N GLU B 19 22.28 1.95 -2.21
CA GLU B 19 21.65 0.67 -2.49
C GLU B 19 20.28 0.93 -3.17
N LEU B 20 19.51 1.91 -2.67
CA LEU B 20 18.19 2.19 -3.24
C LEU B 20 18.32 2.76 -4.59
N ALA B 21 19.28 3.65 -4.82
CA ALA B 21 19.39 4.24 -6.12
C ALA B 21 19.79 3.14 -7.10
N GLU B 22 20.64 2.23 -6.70
CA GLU B 22 21.00 1.14 -7.62
C GLU B 22 19.78 0.26 -7.94
N LEU B 23 18.98 -0.05 -6.94
CA LEU B 23 17.73 -0.79 -7.20
C LEU B 23 16.76 -0.08 -8.12
N VAL B 24 16.62 1.23 -7.94
CA VAL B 24 15.69 1.96 -8.77
C VAL B 24 16.18 1.91 -10.23
N ARG B 25 17.49 2.07 -10.42
CA ARG B 25 18.01 1.97 -11.78
C ARG B 25 17.72 0.59 -12.42
N ARG B 26 17.98 -0.47 -11.68
CA ARG B 26 17.85 -1.81 -12.19
C ARG B 26 16.41 -2.24 -12.35
N LEU B 27 15.54 -1.90 -11.41
CA LEU B 27 14.13 -2.26 -11.50
C LEU B 27 13.25 -1.36 -12.34
N SER B 28 13.51 -0.08 -12.36
CA SER B 28 12.58 0.88 -12.85
C SER B 28 13.01 1.63 -14.11
N VAL B 29 14.33 1.70 -14.37
CA VAL B 29 14.80 2.45 -15.53
C VAL B 29 15.12 1.50 -16.69
N VAL B 30 14.41 1.67 -17.79
CA VAL B 30 14.65 0.86 -18.99
C VAL B 30 15.22 1.72 -20.13
N HIS B 31 16.46 1.49 -20.56
CA HIS B 31 17.07 2.39 -21.58
C HIS B 31 16.66 2.04 -23.05
N ALA B 42 11.46 8.69 -27.05
CA ALA B 42 11.85 8.13 -25.76
C ALA B 42 13.37 8.18 -25.50
N ASP B 43 14.09 7.10 -25.81
CA ASP B 43 15.45 6.77 -25.24
C ASP B 43 15.45 5.91 -23.94
N TYR B 44 14.51 6.23 -23.05
CA TYR B 44 14.31 5.44 -21.81
C TYR B 44 12.91 5.70 -21.27
N TYR B 45 12.42 4.84 -20.38
CA TYR B 45 11.26 5.18 -19.57
C TYR B 45 11.47 4.68 -18.14
N VAL B 46 10.65 5.19 -17.23
CA VAL B 46 10.77 4.90 -15.81
C VAL B 46 9.48 4.31 -15.28
N ASP B 47 9.57 3.14 -14.63
CA ASP B 47 8.38 2.55 -13.97
C ASP B 47 8.70 2.31 -12.52
N LEU B 48 8.44 3.33 -11.72
CA LEU B 48 8.73 3.30 -10.31
C LEU B 48 8.00 2.22 -9.54
N ARG B 49 6.86 1.73 -10.05
CA ARG B 49 6.05 0.78 -9.28
C ARG B 49 6.82 -0.53 -9.10
N ARG B 50 7.76 -0.79 -10.01
CA ARG B 50 8.59 -1.99 -9.89
C ARG B 50 9.49 -1.93 -8.71
N ALA B 51 9.86 -0.72 -8.29
CA ALA B 51 10.70 -0.53 -7.10
C ALA B 51 9.91 -0.39 -5.81
N THR B 52 8.80 0.37 -5.85
CA THR B 52 8.02 0.62 -4.59
C THR B 52 7.29 -0.65 -4.19
N LEU B 53 7.10 -1.59 -5.12
CA LEU B 53 6.54 -2.90 -4.79
C LEU B 53 7.59 -4.07 -4.74
N HIS B 54 8.85 -3.76 -4.59
CA HIS B 54 9.94 -4.74 -4.47
C HIS B 54 10.30 -4.88 -3.03
N HIS B 55 10.58 -6.12 -2.60
CA HIS B 55 10.79 -6.37 -1.18
C HIS B 55 11.93 -5.56 -0.56
N ARG B 56 13.03 -5.36 -1.26
CA ARG B 56 14.21 -4.68 -0.66
C ARG B 56 14.15 -3.18 -0.93
N ALA B 57 13.84 -2.79 -2.16
CA ALA B 57 13.66 -1.34 -2.44
C ALA B 57 12.58 -0.72 -1.55
N SER B 58 11.51 -1.44 -1.27
CA SER B 58 10.46 -0.87 -0.39
C SER B 58 10.89 -0.75 1.01
N ALA B 59 11.68 -1.70 1.49
CA ALA B 59 12.20 -1.58 2.87
C ALA B 59 13.12 -0.33 3.02
N LEU B 60 13.94 -0.12 2.02
CA LEU B 60 14.83 1.05 2.02
C LEU B 60 14.05 2.37 1.88
N ILE B 61 13.05 2.39 1.01
CA ILE B 61 12.16 3.54 0.85
C ILE B 61 11.52 3.90 2.21
N GLY B 62 11.01 2.94 2.97
CA GLY B 62 10.40 3.26 4.31
C GLY B 62 11.38 3.85 5.28
N ARG B 63 12.58 3.30 5.33
CA ARG B 63 13.64 3.71 6.24
C ARG B 63 14.08 5.13 5.82
N LEU B 64 14.33 5.33 4.55
CA LEU B 64 14.90 6.60 4.09
C LEU B 64 13.88 7.73 4.09
N MET B 65 12.63 7.42 3.77
CA MET B 65 11.60 8.48 3.83
C MET B 65 11.32 8.89 5.27
N ARG B 66 11.46 7.98 6.23
CA ARG B 66 11.40 8.43 7.68
C ARG B 66 12.55 9.36 7.99
N GLU B 67 13.75 9.01 7.56
CA GLU B 67 14.89 9.85 7.86
C GLU B 67 14.71 11.21 7.19
N LEU B 68 14.28 11.19 5.97
CA LEU B 68 14.07 12.43 5.18
C LEU B 68 13.12 13.45 5.86
N THR B 69 12.20 12.94 6.63
CA THR B 69 11.16 13.70 7.25
C THR B 69 11.21 13.65 8.81
N ALA B 70 12.37 13.30 9.38
CA ALA B 70 12.50 13.05 10.81
C ALA B 70 12.25 14.33 11.62
N ASP B 71 12.46 15.50 11.03
CA ASP B 71 12.18 16.78 11.69
C ASP B 71 10.76 17.31 11.47
N TRP B 72 9.88 16.52 10.81
CA TRP B 72 8.48 16.90 10.67
C TRP B 72 7.59 16.12 11.56
N ASP B 73 6.54 16.75 12.07
CA ASP B 73 5.64 16.10 13.03
C ASP B 73 4.45 15.56 12.24
N TYR B 74 4.24 14.26 12.27
CA TYR B 74 3.04 13.67 11.66
C TYR B 74 2.76 12.32 12.27
N SER B 75 1.48 11.99 12.37
CA SER B 75 1.10 10.66 12.92
C SER B 75 0.52 9.71 11.86
N VAL B 76 0.21 10.23 10.66
CA VAL B 76 -0.40 9.49 9.59
C VAL B 76 0.33 9.85 8.27
N VAL B 77 0.44 8.87 7.39
CA VAL B 77 1.04 9.04 6.08
C VAL B 77 0.20 8.44 4.99
N GLY B 78 0.14 9.09 3.85
CA GLY B 78 -0.70 8.63 2.75
C GLY B 78 -0.64 9.55 1.56
N GLY B 79 -1.28 9.15 0.47
CA GLY B 79 -1.39 9.99 -0.74
C GLY B 79 -2.43 9.49 -1.70
N LEU B 80 -2.36 10.02 -2.92
CA LEU B 80 -3.34 9.63 -3.91
C LEU B 80 -3.03 8.24 -4.45
N THR B 81 -4.02 7.35 -4.44
CA THR B 81 -3.87 6.04 -5.09
C THR B 81 -3.58 6.20 -6.63
N LEU B 82 -2.83 5.31 -7.27
CA LEU B 82 -2.21 4.11 -6.67
C LEU B 82 -0.79 4.36 -6.21
N GLY B 83 -0.16 5.38 -6.79
CA GLY B 83 1.29 5.60 -6.65
C GLY B 83 1.78 5.76 -5.22
N ALA B 84 0.99 6.46 -4.42
CA ALA B 84 1.42 6.79 -3.06
C ALA B 84 1.38 5.58 -2.14
N ASP B 85 0.45 4.67 -2.42
CA ASP B 85 0.07 3.67 -1.46
C ASP B 85 1.24 2.79 -0.93
N PRO B 86 2.09 2.23 -1.80
CA PRO B 86 3.23 1.38 -1.29
C PRO B 86 4.31 2.18 -0.63
N VAL B 87 4.35 3.51 -0.92
CA VAL B 87 5.28 4.40 -0.25
C VAL B 87 4.81 4.60 1.20
N ALA B 88 3.50 4.86 1.39
CA ALA B 88 2.92 5.12 2.72
C ALA B 88 3.03 3.87 3.57
N THR B 89 2.75 2.71 2.97
CA THR B 89 2.80 1.49 3.76
C THR B 89 4.24 1.10 4.08
N ALA B 90 5.19 1.43 3.22
CA ALA B 90 6.61 1.15 3.52
C ALA B 90 7.00 2.00 4.74
N ILE B 91 6.57 3.27 4.78
CA ILE B 91 6.86 4.13 5.94
C ILE B 91 6.25 3.60 7.23
N MET B 92 4.99 3.22 7.18
CA MET B 92 4.30 2.63 8.33
C MET B 92 5.03 1.39 8.87
N HIS B 93 5.48 0.50 7.95
CA HIS B 93 6.13 -0.72 8.35
C HIS B 93 7.56 -0.55 8.78
N ALA B 94 8.22 0.54 8.41
CA ALA B 94 9.63 0.67 8.76
C ALA B 94 9.82 0.88 10.27
N PRO B 95 10.96 0.41 10.82
CA PRO B 95 11.20 0.61 12.27
C PRO B 95 11.19 2.03 12.72
N GLY B 96 10.67 2.20 13.92
CA GLY B 96 10.62 3.53 14.50
C GLY B 96 9.31 3.77 15.21
N ARG B 97 9.08 5.05 15.53
CA ARG B 97 7.84 5.46 16.17
C ARG B 97 6.61 5.03 15.33
N PRO B 98 5.46 4.82 15.96
CA PRO B 98 4.25 4.31 15.28
C PRO B 98 3.58 5.37 14.39
N ILE B 99 3.47 5.05 13.10
CA ILE B 99 2.86 5.92 12.14
C ILE B 99 1.85 5.07 11.41
N ASP B 100 0.63 5.55 11.30
CA ASP B 100 -0.41 4.84 10.60
C ASP B 100 -0.58 5.39 9.19
N ALA B 101 -1.35 4.70 8.36
CA ALA B 101 -1.47 5.00 6.94
C ALA B 101 -2.92 5.31 6.50
N PHE B 102 -3.02 6.01 5.37
CA PHE B 102 -4.27 6.22 4.67
C PHE B 102 -4.07 6.21 3.20
N VAL B 103 -5.18 6.11 2.46
CA VAL B 103 -5.22 6.19 1.02
C VAL B 103 -6.30 7.19 0.58
N VAL B 104 -5.95 8.09 -0.32
CA VAL B 104 -6.94 8.97 -0.95
C VAL B 104 -7.36 8.38 -2.28
N ARG B 105 -8.67 8.15 -2.42
CA ARG B 105 -9.21 7.71 -3.66
C ARG B 105 -9.18 8.81 -4.75
N LYS B 106 -9.27 8.41 -6.02
CA LYS B 106 -9.18 9.33 -7.20
C LYS B 106 -10.58 9.84 -7.59
N SER B 107 -11.60 9.31 -6.96
CA SER B 107 -12.98 9.72 -7.27
C SER B 107 -13.93 9.08 -6.21
N ALA B 108 -15.21 9.46 -6.20
CA ALA B 108 -16.17 8.70 -5.34
C ALA B 108 -17.63 9.10 -5.56
N ARG B 115 -16.67 9.55 1.05
CA ARG B 115 -15.44 9.12 1.73
C ARG B 115 -14.27 8.88 0.77
N LEU B 116 -13.55 9.93 0.47
CA LEU B 116 -12.42 9.77 -0.37
C LEU B 116 -11.21 9.22 0.39
N ILE B 117 -11.19 9.27 1.73
CA ILE B 117 -10.03 8.80 2.51
C ILE B 117 -10.36 7.47 3.20
N GLU B 118 -9.53 6.47 2.94
CA GLU B 118 -9.70 5.15 3.50
C GLU B 118 -8.56 4.91 4.42
N GLY B 119 -8.77 4.08 5.45
CA GLY B 119 -7.76 3.72 6.32
C GLY B 119 -7.83 4.48 7.62
N SER B 120 -6.68 4.97 8.08
CA SER B 120 -6.56 5.60 9.37
C SER B 120 -7.16 6.97 9.38
N GLU B 121 -7.61 7.42 10.54
CA GLU B 121 -8.25 8.76 10.66
C GLU B 121 -7.22 9.86 10.49
N VAL B 122 -7.52 10.85 9.68
CA VAL B 122 -6.69 12.02 9.50
C VAL B 122 -7.31 13.28 10.18
N THR B 123 -8.62 13.28 10.50
CA THR B 123 -9.24 14.52 11.13
C THR B 123 -8.53 14.88 12.41
N GLY B 124 -8.10 16.13 12.54
CA GLY B 124 -7.41 16.57 13.73
C GLY B 124 -5.97 16.09 13.88
N GLN B 125 -5.41 15.41 12.86
CA GLN B 125 -4.08 14.89 12.92
C GLN B 125 -3.16 15.68 11.99
N ARG B 126 -1.88 15.56 12.25
CA ARG B 126 -0.85 16.04 11.35
C ARG B 126 -0.46 14.88 10.42
N VAL B 127 -0.35 15.18 9.15
CA VAL B 127 -0.27 14.21 8.07
C VAL B 127 0.93 14.52 7.18
N LEU B 128 1.65 13.49 6.75
CA LEU B 128 2.60 13.59 5.65
C LEU B 128 1.96 13.05 4.40
N VAL B 129 1.90 13.83 3.31
CA VAL B 129 1.42 13.36 2.00
C VAL B 129 2.64 12.88 1.24
N VAL B 130 2.54 11.70 0.64
CA VAL B 130 3.61 11.11 -0.15
C VAL B 130 3.22 10.79 -1.57
N GLU B 131 4.23 10.72 -2.43
CA GLU B 131 4.07 10.16 -3.78
C GLU B 131 5.32 9.37 -4.11
N ASP B 132 5.25 8.47 -5.09
CA ASP B 132 6.48 7.84 -5.50
C ASP B 132 7.34 8.85 -6.31
N THR B 133 6.70 9.48 -7.28
CA THR B 133 7.30 10.58 -8.05
C THR B 133 6.11 11.43 -8.52
N SER B 134 6.22 12.72 -8.41
CA SER B 134 5.18 13.63 -8.89
C SER B 134 5.43 13.98 -10.36
N THR B 135 4.34 14.09 -11.11
CA THR B 135 4.41 14.21 -12.56
C THR B 135 4.22 15.73 -12.74
N THR B 136 3.02 16.23 -12.50
CA THR B 136 2.69 17.66 -12.60
C THR B 136 2.50 18.37 -11.26
N GLY B 137 2.43 17.60 -10.16
CA GLY B 137 2.10 18.09 -8.85
C GLY B 137 0.63 17.98 -8.46
N ASN B 138 -0.25 17.84 -9.46
CA ASN B 138 -1.67 17.78 -9.19
C ASN B 138 -2.09 16.67 -8.29
N SER B 139 -1.45 15.53 -8.44
CA SER B 139 -1.80 14.39 -7.64
C SER B 139 -1.57 14.66 -6.16
N ALA B 140 -0.43 15.24 -5.80
CA ALA B 140 -0.16 15.64 -4.42
C ALA B 140 -1.16 16.69 -3.93
N LEU B 141 -1.43 17.71 -4.74
CA LEU B 141 -2.38 18.72 -4.31
C LEU B 141 -3.77 18.12 -4.15
N THR B 142 -4.12 17.09 -4.93
CA THR B 142 -5.45 16.47 -4.83
C THR B 142 -5.58 15.76 -3.45
N ALA B 143 -4.53 15.07 -3.07
CA ALA B 143 -4.46 14.43 -1.73
C ALA B 143 -4.49 15.46 -0.58
N VAL B 144 -3.72 16.53 -0.72
CA VAL B 144 -3.77 17.60 0.24
C VAL B 144 -5.23 18.15 0.40
N HIS B 145 -5.90 18.40 -0.72
CA HIS B 145 -7.26 18.95 -0.70
C HIS B 145 -8.18 18.01 0.09
N ALA B 146 -8.08 16.71 -0.23
CA ALA B 146 -8.87 15.73 0.48
C ALA B 146 -8.63 15.69 1.97
N VAL B 147 -7.37 15.66 2.36
CA VAL B 147 -7.04 15.69 3.79
C VAL B 147 -7.56 16.97 4.50
N GLN B 148 -7.29 18.11 3.89
CA GLN B 148 -7.68 19.39 4.50
C GLN B 148 -9.19 19.49 4.58
N ASP B 149 -9.89 18.92 3.59
CA ASP B 149 -11.35 18.95 3.57
C ASP B 149 -11.98 18.26 4.79
N VAL B 150 -11.29 17.27 5.38
CA VAL B 150 -11.84 16.60 6.55
C VAL B 150 -11.12 16.97 7.80
N GLY B 151 -10.38 18.05 7.80
CA GLY B 151 -9.76 18.55 9.04
C GLY B 151 -8.39 18.01 9.41
N GLY B 152 -7.66 17.41 8.43
CA GLY B 152 -6.28 17.06 8.64
C GLY B 152 -5.43 18.23 8.31
N GLU B 153 -4.24 18.26 8.88
CA GLU B 153 -3.26 19.26 8.60
C GLU B 153 -2.06 18.60 7.91
N VAL B 154 -1.74 19.06 6.71
CA VAL B 154 -0.62 18.52 5.94
C VAL B 154 0.67 19.23 6.32
N VAL B 155 1.69 18.47 6.75
CA VAL B 155 2.93 19.07 7.19
C VAL B 155 3.89 19.28 6.08
N GLY B 156 3.71 18.55 4.99
CA GLY B 156 4.61 18.59 3.85
C GLY B 156 4.32 17.43 2.94
N VAL B 157 4.99 17.45 1.80
CA VAL B 157 4.94 16.40 0.77
C VAL B 157 6.33 15.83 0.58
N ALA B 158 6.44 14.50 0.59
CA ALA B 158 7.72 13.80 0.35
C ALA B 158 7.56 12.78 -0.74
N THR B 159 8.58 12.65 -1.59
CA THR B 159 8.56 11.72 -2.70
C THR B 159 9.82 10.91 -2.69
N VAL B 160 9.78 9.79 -3.38
CA VAL B 160 10.98 8.99 -3.53
C VAL B 160 11.96 9.57 -4.54
N VAL B 161 11.45 9.93 -5.72
CA VAL B 161 12.30 10.40 -6.80
C VAL B 161 11.70 11.68 -7.36
N ASP B 162 12.55 12.69 -7.49
CA ASP B 162 12.13 13.92 -8.15
C ASP B 162 12.74 13.86 -9.54
N ARG B 163 11.93 14.20 -10.54
CA ARG B 163 12.33 14.01 -11.92
C ARG B 163 12.49 15.38 -12.63
N ALA B 164 12.53 16.46 -11.87
CA ALA B 164 12.90 17.78 -12.39
C ALA B 164 11.88 18.21 -13.45
N THR B 165 10.61 17.95 -13.17
CA THR B 165 9.57 18.21 -14.19
C THR B 165 8.86 19.51 -13.86
N GLY B 166 9.19 20.17 -12.76
CA GLY B 166 8.41 21.33 -12.31
C GLY B 166 7.40 21.02 -11.28
N ALA B 167 7.21 19.73 -10.95
CA ALA B 167 6.17 19.40 -9.95
C ALA B 167 6.54 19.97 -8.58
N ALA B 168 7.80 19.85 -8.19
CA ALA B 168 8.21 20.42 -6.88
C ALA B 168 7.79 21.87 -6.69
N GLU B 169 8.13 22.65 -7.71
CA GLU B 169 7.85 24.09 -7.63
C GLU B 169 6.34 24.31 -7.57
N ALA B 170 5.59 23.50 -8.31
CA ALA B 170 4.13 23.68 -8.31
C ALA B 170 3.54 23.41 -6.94
N ILE B 171 4.13 22.42 -6.22
CA ILE B 171 3.72 22.13 -4.85
C ILE B 171 4.10 23.18 -3.85
N GLU B 172 5.36 23.64 -3.90
CA GLU B 172 5.83 24.69 -3.01
C GLU B 172 5.08 25.99 -3.24
N ALA B 173 4.62 26.21 -4.48
CA ALA B 173 3.90 27.44 -4.80
C ALA B 173 2.59 27.51 -4.10
N GLU B 174 2.06 26.37 -3.67
CA GLU B 174 0.86 26.36 -2.90
C GLU B 174 1.10 26.37 -1.41
N GLY B 175 2.30 26.73 -0.99
CA GLY B 175 2.57 26.89 0.46
C GLY B 175 3.06 25.56 1.10
N LEU B 176 3.34 24.50 0.31
CA LEU B 176 3.65 23.18 0.97
C LEU B 176 5.15 22.93 0.92
N ARG B 177 5.72 22.39 2.00
CA ARG B 177 7.11 21.93 1.98
C ARG B 177 7.19 20.64 1.17
N TYR B 178 8.27 20.49 0.44
CA TYR B 178 8.49 19.36 -0.47
C TYR B 178 9.91 18.84 -0.29
N ARG B 179 10.09 17.50 -0.25
CA ARG B 179 11.41 16.87 -0.14
C ARG B 179 11.40 15.58 -0.94
N SER B 180 12.53 15.21 -1.51
CA SER B 180 12.68 13.91 -2.15
C SER B 180 13.94 13.24 -1.77
N VAL B 181 13.95 11.92 -1.92
CA VAL B 181 15.13 11.12 -1.52
C VAL B 181 16.16 11.19 -2.64
N LEU B 182 15.72 10.92 -3.87
CA LEU B 182 16.57 10.81 -5.06
C LEU B 182 16.16 11.78 -6.13
N GLY B 183 17.11 12.05 -7.04
CA GLY B 183 16.89 12.95 -8.16
C GLY B 183 17.25 12.28 -9.49
N LEU B 184 17.20 13.04 -10.55
CA LEU B 184 17.53 12.50 -11.90
C LEU B 184 18.92 11.95 -12.01
N ALA B 185 19.90 12.59 -11.34
CA ALA B 185 21.28 12.08 -11.35
C ALA B 185 21.37 10.69 -10.78
N ASP B 186 20.51 10.35 -9.84
CA ASP B 186 20.56 9.04 -9.27
C ASP B 186 20.02 7.92 -10.17
N LEU B 187 19.25 8.29 -11.18
CA LEU B 187 18.68 7.38 -12.13
C LEU B 187 19.63 7.08 -13.31
N GLY B 188 20.78 7.79 -13.36
CA GLY B 188 21.68 7.75 -14.50
C GLY B 188 20.99 8.40 -15.69
N LEU B 189 20.30 9.51 -15.46
CA LEU B 189 19.61 10.18 -16.56
C LEU B 189 20.06 11.63 -16.61
P PO4 C . -16.52 -9.15 -3.24
O1 PO4 C . -15.95 -10.45 -2.77
O2 PO4 C . -16.22 -8.09 -2.15
O3 PO4 C . -15.97 -8.84 -4.55
O4 PO4 C . -18.02 -9.32 -3.36
#